data_3QKB
#
_entry.id   3QKB
#
_cell.length_a   110.296
_cell.length_b   67.301
_cell.length_c   85.836
_cell.angle_alpha   90.000
_cell.angle_beta   90.000
_cell.angle_gamma   90.000
#
_symmetry.space_group_name_H-M   'P 21 21 2'
#
loop_
_entity.id
_entity.type
_entity.pdbx_description
1 polymer 'Uncharacterized protein'
2 water water
#
_entity_poly.entity_id   1
_entity_poly.type   'polypeptide(L)'
_entity_poly.pdbx_seq_one_letter_code
;(MSE)GSDKIHHHHHHENLYFQG(MSE)FITTEGINAGYTIKDVVEATSSL(MSE)LASEDIDKYN(MSE)FDQLFDEAK
QKLKKKADLLEGDGIIGLKYNTEVVEVNGAPKFLVVHGYGTVILIDK
;
_entity_poly.pdbx_strand_id   A,B,C,D,E
#
# COMPACT_ATOMS: atom_id res chain seq x y z
N PHE A 17 -23.46 14.50 17.27
CA PHE A 17 -22.43 13.83 16.41
C PHE A 17 -21.12 13.55 17.20
N GLN A 18 -20.52 12.37 16.96
CA GLN A 18 -19.33 11.86 17.71
C GLN A 18 -18.93 10.42 17.20
N GLY A 19 -19.91 9.51 17.37
CA GLY A 19 -19.88 8.03 17.12
C GLY A 19 -20.23 7.57 15.70
N MSE A 20 -19.20 7.43 14.88
CA MSE A 20 -19.30 7.25 13.44
C MSE A 20 -18.36 6.14 13.00
O MSE A 20 -17.19 6.15 13.37
CB MSE A 20 -18.90 8.57 12.77
CG MSE A 20 -18.45 8.44 11.32
SE MSE A 20 -18.78 10.01 10.29
CE MSE A 20 -20.68 10.31 10.69
N PHE A 21 -18.86 5.21 12.17
CA PHE A 21 -18.11 3.96 11.90
C PHE A 21 -16.97 4.16 10.88
N ILE A 22 -15.92 3.38 11.03
CA ILE A 22 -14.81 3.39 10.09
C ILE A 22 -14.29 1.96 9.88
N THR A 23 -13.93 1.62 8.64
CA THR A 23 -13.46 0.27 8.29
C THR A 23 -12.44 0.28 7.15
N THR A 24 -11.52 -0.69 7.19
CA THR A 24 -10.49 -0.88 6.16
C THR A 24 -11.04 -1.38 4.84
N GLU A 25 -12.06 -2.24 4.91
CA GLU A 25 -12.66 -2.84 3.73
C GLU A 25 -14.00 -2.17 3.45
N GLY A 26 -14.71 -2.67 2.43
CA GLY A 26 -16.09 -2.24 2.16
C GLY A 26 -17.09 -2.82 3.17
N ILE A 27 -18.37 -2.56 2.89
CA ILE A 27 -19.48 -3.17 3.61
C ILE A 27 -20.48 -3.78 2.61
N ASN A 28 -21.01 -4.96 2.95
CA ASN A 28 -22.13 -5.55 2.20
C ASN A 28 -23.45 -4.94 2.71
N ALA A 29 -23.78 -3.79 2.15
CA ALA A 29 -25.03 -3.07 2.46
C ALA A 29 -25.24 -2.02 1.40
N GLY A 30 -26.46 -1.50 1.32
CA GLY A 30 -26.80 -0.45 0.36
C GLY A 30 -26.24 0.88 0.84
N TYR A 31 -25.46 1.55 -0.02
CA TYR A 31 -25.01 2.93 0.25
C TYR A 31 -24.83 3.77 -1.00
N THR A 32 -24.80 5.09 -0.81
CA THR A 32 -24.36 6.06 -1.81
C THR A 32 -23.02 6.66 -1.34
N ILE A 33 -22.21 7.10 -2.31
CA ILE A 33 -20.86 7.61 -2.04
C ILE A 33 -20.87 9.12 -2.00
N LYS A 34 -20.55 9.71 -0.87
CA LYS A 34 -20.41 11.17 -0.78
C LYS A 34 -19.12 11.63 -1.46
N ASP A 35 -17.96 11.26 -0.91
CA ASP A 35 -16.64 11.63 -1.49
C ASP A 35 -15.52 10.82 -0.85
N VAL A 36 -14.35 10.81 -1.52
CA VAL A 36 -13.10 10.35 -0.89
C VAL A 36 -12.48 11.49 -0.11
N VAL A 37 -11.99 11.20 1.10
CA VAL A 37 -11.37 12.21 1.97
C VAL A 37 -10.01 11.74 2.42
N GLU A 38 -9.16 12.70 2.74
CA GLU A 38 -7.78 12.46 3.17
C GLU A 38 -7.43 13.37 4.37
N ALA A 39 -6.55 12.89 5.24
CA ALA A 39 -6.01 13.66 6.35
C ALA A 39 -4.56 13.28 6.50
N THR A 40 -3.73 14.26 6.88
CA THR A 40 -2.34 14.03 7.23
C THR A 40 -2.11 14.54 8.68
N SER A 41 -1.34 13.78 9.45
CA SER A 41 -0.87 14.26 10.74
C SER A 41 0.58 13.91 10.91
N SER A 42 1.28 14.74 11.68
CA SER A 42 2.71 14.61 11.84
C SER A 42 3.19 15.13 13.20
N LEU A 43 4.40 14.69 13.58
CA LEU A 43 5.06 15.24 14.73
C LEU A 43 6.55 15.26 14.54
N MSE A 44 7.23 16.10 15.33
CA MSE A 44 8.67 16.25 15.27
C MSE A 44 9.30 15.50 16.46
O MSE A 44 8.91 15.74 17.61
CB MSE A 44 9.06 17.73 15.34
CG MSE A 44 10.53 18.02 15.09
SE MSE A 44 11.01 19.86 15.46
CE MSE A 44 11.26 20.47 13.67
N LEU A 45 10.28 14.63 16.17
CA LEU A 45 11.01 13.88 17.19
C LEU A 45 12.11 14.73 17.82
N ALA A 46 12.28 14.61 19.15
CA ALA A 46 13.52 15.09 19.83
C ALA A 46 14.66 14.18 19.43
N SER A 47 15.89 14.70 19.51
CA SER A 47 17.11 13.93 19.14
C SER A 47 17.21 12.59 19.87
N GLU A 48 16.89 12.63 21.16
CA GLU A 48 16.89 11.45 22.04
C GLU A 48 15.76 10.42 21.78
N ASP A 49 14.75 10.82 21.00
CA ASP A 49 13.58 9.99 20.70
C ASP A 49 13.56 9.41 19.25
N ILE A 50 14.73 9.30 18.62
CA ILE A 50 14.80 8.77 17.23
C ILE A 50 14.51 7.26 17.12
N ASP A 51 14.49 6.56 18.26
CA ASP A 51 14.02 5.15 18.34
C ASP A 51 12.53 4.96 18.68
N LYS A 52 11.78 6.05 18.89
CA LYS A 52 10.44 5.97 19.50
C LYS A 52 9.35 5.85 18.46
N TYR A 53 9.32 4.74 17.72
CA TYR A 53 8.34 4.56 16.63
C TYR A 53 6.94 4.25 17.14
N ASN A 54 6.81 3.85 18.41
CA ASN A 54 5.54 3.83 19.17
CA ASN A 54 5.47 3.77 19.04
C ASN A 54 4.74 5.14 19.12
N MSE A 55 5.44 6.24 18.87
CA MSE A 55 4.80 7.54 18.77
C MSE A 55 3.95 7.75 17.52
O MSE A 55 3.22 8.74 17.45
CB MSE A 55 5.84 8.66 18.87
CG MSE A 55 6.40 8.81 20.29
SE MSE A 55 7.43 10.38 20.35
CE MSE A 55 6.21 11.54 21.33
N PHE A 56 4.06 6.83 16.55
CA PHE A 56 3.08 6.75 15.46
C PHE A 56 1.65 6.51 15.95
N ASP A 57 1.49 5.85 17.10
CA ASP A 57 0.15 5.53 17.63
C ASP A 57 -0.77 6.77 17.66
N GLN A 58 -0.26 7.84 18.26
CA GLN A 58 -0.92 9.16 18.30
C GLN A 58 -1.41 9.62 16.95
N LEU A 59 -0.53 9.49 15.96
CA LEU A 59 -0.73 10.08 14.66
C LEU A 59 -1.84 9.36 13.91
N PHE A 60 -1.90 8.04 14.03
CA PHE A 60 -3.02 7.27 13.47
C PHE A 60 -4.35 7.73 14.08
N ASP A 61 -4.40 7.90 15.41
CA ASP A 61 -5.62 8.40 16.09
C ASP A 61 -6.02 9.77 15.58
N GLU A 62 -5.03 10.67 15.47
CA GLU A 62 -5.26 12.04 14.98
C GLU A 62 -5.76 12.02 13.54
N ALA A 63 -5.14 11.19 12.70
CA ALA A 63 -5.56 11.04 11.30
C ALA A 63 -7.00 10.57 11.20
N LYS A 64 -7.38 9.57 11.98
CA LYS A 64 -8.78 9.10 12.05
C LYS A 64 -9.74 10.20 12.48
N GLN A 65 -9.43 10.95 13.55
CA GLN A 65 -10.32 12.03 14.00
C GLN A 65 -10.51 13.09 12.93
N LYS A 66 -9.45 13.45 12.22
CA LYS A 66 -9.55 14.41 11.11
C LYS A 66 -10.46 13.87 10.03
N LEU A 67 -10.29 12.59 9.67
CA LEU A 67 -11.10 11.96 8.61
C LEU A 67 -12.56 11.89 9.01
N LYS A 68 -12.84 11.51 10.27
CA LYS A 68 -14.21 11.44 10.78
C LYS A 68 -14.91 12.79 10.75
N LYS A 69 -14.21 13.84 11.21
CA LYS A 69 -14.73 15.22 11.14
C LYS A 69 -15.04 15.66 9.69
N LYS A 70 -14.24 15.23 8.71
CA LYS A 70 -14.53 15.51 7.29
C LYS A 70 -15.74 14.72 6.81
N ALA A 71 -15.89 13.48 7.28
CA ALA A 71 -17.06 12.65 6.97
C ALA A 71 -18.33 13.28 7.51
N ASP A 72 -18.24 13.85 8.71
CA ASP A 72 -19.38 14.48 9.37
C ASP A 72 -19.79 15.78 8.65
N LEU A 73 -18.82 16.55 8.17
CA LEU A 73 -19.09 17.74 7.32
C LEU A 73 -19.77 17.40 6.00
N LEU A 74 -19.41 16.26 5.42
CA LEU A 74 -20.07 15.77 4.19
C LEU A 74 -21.46 15.09 4.46
N GLU A 75 -21.83 14.94 5.73
CA GLU A 75 -23.11 14.36 6.16
C GLU A 75 -23.22 12.88 5.74
N GLY A 76 -22.14 12.14 5.97
CA GLY A 76 -22.10 10.69 5.80
C GLY A 76 -22.27 9.97 7.13
N ASP A 77 -22.57 8.69 7.08
CA ASP A 77 -22.68 7.84 8.28
C ASP A 77 -21.35 7.24 8.71
N GLY A 78 -20.47 6.98 7.75
CA GLY A 78 -19.11 6.51 8.06
C GLY A 78 -18.18 6.44 6.89
N ILE A 79 -17.01 5.82 7.12
CA ILE A 79 -15.90 5.79 6.16
C ILE A 79 -15.58 4.34 5.86
N ILE A 80 -15.62 3.96 4.58
CA ILE A 80 -15.14 2.64 4.14
C ILE A 80 -13.81 2.80 3.41
N GLY A 81 -13.09 1.68 3.28
CA GLY A 81 -11.90 1.63 2.45
C GLY A 81 -10.71 2.38 3.03
N LEU A 82 -10.63 2.49 4.36
CA LEU A 82 -9.51 3.20 4.99
C LEU A 82 -8.18 2.54 4.64
N LYS A 83 -7.22 3.37 4.24
CA LYS A 83 -5.80 3.00 4.20
C LYS A 83 -4.97 4.10 4.84
N TYR A 84 -3.74 3.74 5.23
CA TYR A 84 -2.76 4.66 5.78
C TYR A 84 -1.46 4.56 4.99
N ASN A 85 -0.89 5.69 4.62
CA ASN A 85 0.52 5.75 4.24
C ASN A 85 1.30 6.32 5.42
N THR A 86 2.55 5.86 5.61
CA THR A 86 3.44 6.36 6.65
C THR A 86 4.79 6.74 6.04
N GLU A 87 5.42 7.79 6.59
CA GLU A 87 6.83 8.12 6.30
C GLU A 87 7.60 8.48 7.56
N VAL A 88 8.90 8.14 7.57
CA VAL A 88 9.83 8.62 8.57
C VAL A 88 10.79 9.54 7.85
N VAL A 89 10.65 10.84 8.10
CA VAL A 89 11.39 11.87 7.37
C VAL A 89 12.66 12.22 8.14
N GLU A 90 13.79 12.20 7.42
CA GLU A 90 15.10 12.39 8.02
C GLU A 90 15.55 13.84 7.74
N VAL A 91 16.20 14.48 8.71
CA VAL A 91 16.86 15.76 8.53
C VAL A 91 18.28 15.66 9.04
N ASN A 92 19.25 15.99 8.18
CA ASN A 92 20.70 15.85 8.46
C ASN A 92 21.11 14.48 9.01
N GLY A 93 20.60 13.44 8.38
CA GLY A 93 20.95 12.07 8.74
C GLY A 93 20.42 11.57 10.07
N ALA A 94 19.29 12.10 10.53
CA ALA A 94 18.58 11.57 11.68
C ALA A 94 17.09 11.67 11.38
N PRO A 95 16.29 10.70 11.87
CA PRO A 95 14.84 10.81 11.83
C PRO A 95 14.39 12.02 12.60
N LYS A 96 13.58 12.87 11.97
CA LYS A 96 13.10 14.14 12.59
C LYS A 96 11.58 14.25 12.60
N PHE A 97 10.88 13.78 11.55
CA PHE A 97 9.41 13.80 11.55
C PHE A 97 8.82 12.42 11.26
N LEU A 98 7.75 12.10 12.00
CA LEU A 98 6.90 10.97 11.72
C LEU A 98 5.62 11.51 11.10
N VAL A 99 5.22 10.97 9.97
CA VAL A 99 4.08 11.45 9.20
C VAL A 99 3.15 10.27 8.89
N VAL A 100 1.86 10.43 9.19
CA VAL A 100 0.80 9.51 8.73
C VAL A 100 -0.12 10.25 7.76
N HIS A 101 -0.48 9.59 6.66
CA HIS A 101 -1.61 10.01 5.84
C HIS A 101 -2.67 8.97 5.93
N GLY A 102 -3.89 9.38 6.24
CA GLY A 102 -5.07 8.49 6.22
C GLY A 102 -6.02 8.90 5.10
N TYR A 103 -6.62 7.94 4.43
CA TYR A 103 -7.68 8.25 3.46
C TYR A 103 -8.69 7.15 3.31
N GLY A 104 -9.86 7.51 2.81
CA GLY A 104 -10.98 6.57 2.68
C GLY A 104 -12.18 7.18 2.00
N THR A 105 -13.24 6.38 1.83
CA THR A 105 -14.44 6.83 1.13
C THR A 105 -15.58 7.07 2.11
N VAL A 106 -16.09 8.30 2.15
CA VAL A 106 -17.23 8.64 3.01
C VAL A 106 -18.51 8.21 2.31
N ILE A 107 -19.34 7.41 3.00
CA ILE A 107 -20.60 6.89 2.45
C ILE A 107 -21.81 7.28 3.32
N LEU A 108 -23.01 7.13 2.74
CA LEU A 108 -24.31 7.29 3.42
C LEU A 108 -25.17 6.05 3.14
N ILE A 109 -25.65 5.40 4.20
CA ILE A 109 -26.37 4.10 4.10
C ILE A 109 -27.80 4.35 3.51
N ASP A 110 -28.43 3.30 2.93
CA ASP A 110 -29.57 3.43 1.96
C ASP A 110 -29.05 4.03 0.66
N GLN B 18 -17.15 16.75 -14.42
CA GLN B 18 -16.41 16.30 -13.20
C GLN B 18 -17.26 16.31 -11.88
N GLY B 19 -18.60 16.50 -11.99
CA GLY B 19 -19.56 15.82 -11.06
C GLY B 19 -19.58 14.30 -11.32
N MSE B 20 -18.49 13.63 -10.91
CA MSE B 20 -18.13 12.27 -11.32
C MSE B 20 -17.61 11.52 -10.10
O MSE B 20 -16.72 12.02 -9.42
CB MSE B 20 -17.03 12.36 -12.36
CG MSE B 20 -16.20 11.10 -12.55
SE MSE B 20 -15.65 10.87 -14.44
CE MSE B 20 -17.27 11.01 -15.35
N PHE B 21 -18.11 10.32 -9.86
CA PHE B 21 -17.89 9.65 -8.56
C PHE B 21 -16.49 9.01 -8.45
N ILE B 22 -15.97 8.96 -7.23
CA ILE B 22 -14.69 8.32 -6.95
C ILE B 22 -14.77 7.58 -5.60
N THR B 23 -14.17 6.37 -5.54
CA THR B 23 -14.22 5.52 -4.33
C THR B 23 -12.94 4.69 -4.19
N THR B 24 -12.57 4.42 -2.93
CA THR B 24 -11.43 3.57 -2.59
C THR B 24 -11.64 2.08 -2.86
N GLU B 25 -12.88 1.61 -2.69
CA GLU B 25 -13.22 0.21 -2.89
C GLU B 25 -13.99 0.06 -4.20
N GLY B 26 -14.46 -1.16 -4.48
CA GLY B 26 -15.34 -1.42 -5.61
C GLY B 26 -16.77 -0.98 -5.36
N ILE B 27 -17.65 -1.25 -6.34
CA ILE B 27 -19.09 -1.02 -6.21
C ILE B 27 -19.85 -2.31 -6.56
N ASN B 28 -20.88 -2.65 -5.76
CA ASN B 28 -21.79 -3.75 -6.09
C ASN B 28 -22.83 -3.24 -7.08
N ALA B 29 -22.48 -3.27 -8.35
CA ALA B 29 -23.36 -2.88 -9.45
C ALA B 29 -22.75 -3.38 -10.74
N GLY B 30 -23.53 -3.37 -11.81
CA GLY B 30 -23.04 -3.80 -13.11
C GLY B 30 -22.19 -2.71 -13.72
N TYR B 31 -20.97 -3.05 -14.15
CA TYR B 31 -20.13 -2.13 -14.93
C TYR B 31 -19.21 -2.84 -15.92
N THR B 32 -18.71 -2.07 -16.87
CA THR B 32 -17.58 -2.46 -17.73
C THR B 32 -16.36 -1.58 -17.38
N ILE B 33 -15.16 -2.10 -17.64
CA ILE B 33 -13.91 -1.43 -17.27
C ILE B 33 -13.32 -0.72 -18.49
N LYS B 34 -13.19 0.60 -18.43
CA LYS B 34 -12.50 1.36 -19.49
C LYS B 34 -10.99 1.16 -19.39
N ASP B 35 -10.37 1.62 -18.32
CA ASP B 35 -8.90 1.50 -18.12
C ASP B 35 -8.50 1.84 -16.70
N VAL B 36 -7.29 1.44 -16.31
CA VAL B 36 -6.65 1.96 -15.11
C VAL B 36 -5.92 3.26 -15.47
N VAL B 37 -6.04 4.26 -14.59
CA VAL B 37 -5.40 5.58 -14.79
C VAL B 37 -4.61 5.99 -13.59
N GLU B 38 -3.63 6.86 -13.82
CA GLU B 38 -2.70 7.32 -12.77
C GLU B 38 -2.46 8.82 -12.91
N ALA B 39 -2.17 9.48 -11.78
CA ALA B 39 -1.82 10.90 -11.76
C ALA B 39 -0.82 11.12 -10.66
N THR B 40 0.17 11.96 -10.90
CA THR B 40 1.14 12.36 -9.92
C THR B 40 1.03 13.86 -9.74
N SER B 41 1.14 14.32 -8.51
CA SER B 41 1.25 15.75 -8.24
C SER B 41 2.27 16.01 -7.13
N SER B 42 2.93 17.15 -7.21
CA SER B 42 4.04 17.45 -6.34
C SER B 42 4.19 18.94 -6.08
N LEU B 43 4.91 19.27 -5.02
CA LEU B 43 5.29 20.64 -4.75
C LEU B 43 6.63 20.69 -4.06
N MSE B 44 7.27 21.85 -4.16
CA MSE B 44 8.55 22.07 -3.53
C MSE B 44 8.36 22.88 -2.22
O MSE B 44 7.71 23.93 -2.21
CB MSE B 44 9.47 22.80 -4.48
CG MSE B 44 10.89 22.90 -3.96
SE MSE B 44 11.95 24.18 -4.81
CE MSE B 44 13.04 22.88 -5.81
N LEU B 45 8.96 22.40 -1.13
CA LEU B 45 8.92 23.06 0.15
C LEU B 45 9.97 24.16 0.23
N ALA B 46 9.61 25.30 0.84
CA ALA B 46 10.61 26.27 1.30
C ALA B 46 11.36 25.68 2.50
N SER B 47 12.56 26.19 2.77
CA SER B 47 13.40 25.71 3.90
C SER B 47 12.70 25.79 5.24
N GLU B 48 11.97 26.88 5.43
CA GLU B 48 11.19 27.13 6.66
C GLU B 48 9.91 26.27 6.79
N ASP B 49 9.50 25.62 5.71
CA ASP B 49 8.28 24.80 5.70
C ASP B 49 8.54 23.28 5.69
N ILE B 50 9.70 22.85 6.19
CA ILE B 50 10.03 21.39 6.22
C ILE B 50 9.20 20.59 7.26
N ASP B 51 8.48 21.31 8.13
CA ASP B 51 7.49 20.69 9.06
C ASP B 51 6.02 20.71 8.58
N LYS B 52 5.75 21.24 7.37
CA LYS B 52 4.38 21.51 6.92
C LYS B 52 3.81 20.35 6.11
N TYR B 53 3.60 19.21 6.74
CA TYR B 53 3.09 18.02 6.03
C TYR B 53 1.58 18.10 5.72
N ASN B 54 0.88 19.03 6.40
CA ASN B 54 -0.50 19.40 5.97
CA ASN B 54 -0.46 19.53 5.99
C ASN B 54 -0.57 19.91 4.51
N MSE B 55 0.55 20.33 3.92
CA MSE B 55 0.57 20.71 2.50
C MSE B 55 0.37 19.58 1.53
O MSE B 55 0.14 19.83 0.35
CB MSE B 55 1.87 21.43 2.18
CG MSE B 55 2.02 22.67 2.99
SE MSE B 55 3.23 23.82 2.23
CE MSE B 55 1.89 24.77 1.09
N PHE B 56 0.42 18.33 1.99
CA PHE B 56 -0.08 17.20 1.19
C PHE B 56 -1.55 17.31 0.83
N ASP B 57 -2.35 18.01 1.66
CA ASP B 57 -3.78 18.15 1.42
C ASP B 57 -4.09 18.54 -0.01
N GLN B 58 -3.46 19.61 -0.46
CA GLN B 58 -3.68 20.13 -1.82
C GLN B 58 -3.21 19.17 -2.92
N LEU B 59 -2.18 18.38 -2.66
CA LEU B 59 -1.68 17.43 -3.64
C LEU B 59 -2.64 16.27 -3.85
N PHE B 60 -3.26 15.78 -2.77
CA PHE B 60 -4.31 14.77 -2.93
C PHE B 60 -5.46 15.30 -3.80
N ASP B 61 -5.89 16.54 -3.52
CA ASP B 61 -6.95 17.15 -4.33
C ASP B 61 -6.56 17.33 -5.78
N GLU B 62 -5.33 17.75 -6.04
CA GLU B 62 -4.83 17.89 -7.40
C GLU B 62 -4.80 16.54 -8.10
N ALA B 63 -4.32 15.52 -7.39
CA ALA B 63 -4.24 14.16 -7.94
C ALA B 63 -5.60 13.63 -8.33
N LYS B 64 -6.61 13.84 -7.47
CA LYS B 64 -8.00 13.47 -7.78
C LYS B 64 -8.54 14.18 -9.03
N GLN B 65 -8.29 15.48 -9.13
CA GLN B 65 -8.72 16.26 -10.28
C GLN B 65 -8.11 15.77 -11.57
N LYS B 66 -6.83 15.46 -11.55
CA LYS B 66 -6.15 14.88 -12.72
C LYS B 66 -6.76 13.51 -13.11
N LEU B 67 -7.01 12.65 -12.12
CA LEU B 67 -7.61 11.34 -12.35
C LEU B 67 -9.04 11.44 -12.90
N LYS B 68 -9.84 12.34 -12.35
CA LYS B 68 -11.20 12.57 -12.85
C LYS B 68 -11.22 13.08 -14.31
N LYS B 69 -10.35 14.02 -14.63
CA LYS B 69 -10.19 14.51 -16.02
C LYS B 69 -9.81 13.40 -17.00
N LYS B 70 -8.96 12.46 -16.55
CA LYS B 70 -8.60 11.28 -17.36
C LYS B 70 -9.79 10.33 -17.49
N ALA B 71 -10.56 10.16 -16.43
CA ALA B 71 -11.78 9.35 -16.46
C ALA B 71 -12.80 9.92 -17.46
N ASP B 72 -12.91 11.25 -17.49
CA ASP B 72 -13.85 11.93 -18.35
C ASP B 72 -13.43 11.80 -19.82
N LEU B 73 -12.12 11.88 -20.10
CA LEU B 73 -11.59 11.64 -21.46
C LEU B 73 -11.85 10.23 -21.96
N LEU B 74 -11.79 9.24 -21.06
CA LEU B 74 -12.13 7.85 -21.38
C LEU B 74 -13.65 7.57 -21.47
N GLU B 75 -14.47 8.57 -21.15
CA GLU B 75 -15.95 8.51 -21.18
C GLU B 75 -16.52 7.48 -20.20
N GLY B 76 -15.96 7.49 -18.98
CA GLY B 76 -16.44 6.67 -17.87
C GLY B 76 -17.33 7.51 -16.97
N ASP B 77 -18.05 6.84 -16.08
CA ASP B 77 -18.93 7.51 -15.10
C ASP B 77 -18.22 7.81 -13.81
N GLY B 78 -17.20 7.00 -13.47
CA GLY B 78 -16.36 7.28 -12.31
C GLY B 78 -15.17 6.36 -12.14
N ILE B 79 -14.56 6.43 -10.96
CA ILE B 79 -13.29 5.74 -10.66
C ILE B 79 -13.47 4.89 -9.42
N ILE B 80 -13.21 3.58 -9.55
CA ILE B 80 -13.22 2.67 -8.39
C ILE B 80 -11.81 2.29 -8.07
N GLY B 81 -11.62 1.74 -6.87
CA GLY B 81 -10.33 1.19 -6.47
C GLY B 81 -9.23 2.20 -6.22
N LEU B 82 -9.58 3.45 -5.89
CA LEU B 82 -8.55 4.50 -5.71
C LEU B 82 -7.57 4.09 -4.61
N LYS B 83 -6.27 4.27 -4.89
CA LYS B 83 -5.23 4.25 -3.88
C LYS B 83 -4.28 5.41 -4.13
N TYR B 84 -3.54 5.78 -3.07
CA TYR B 84 -2.51 6.82 -3.13
C TYR B 84 -1.19 6.25 -2.65
N ASN B 85 -0.11 6.56 -3.37
CA ASN B 85 1.23 6.46 -2.83
C ASN B 85 1.69 7.86 -2.47
N THR B 86 2.52 7.98 -1.43
CA THR B 86 3.12 9.25 -1.04
C THR B 86 4.62 9.12 -0.85
N GLU B 87 5.38 10.14 -1.23
CA GLU B 87 6.80 10.27 -0.85
C GLU B 87 7.17 11.66 -0.34
N VAL B 88 8.09 11.72 0.62
CA VAL B 88 8.75 12.96 1.02
C VAL B 88 10.19 12.83 0.53
N VAL B 89 10.52 13.62 -0.49
CA VAL B 89 11.81 13.53 -1.14
C VAL B 89 12.73 14.53 -0.53
N GLU B 90 13.93 14.07 -0.15
CA GLU B 90 14.94 14.90 0.52
C GLU B 90 16.00 15.36 -0.49
N VAL B 91 16.44 16.60 -0.36
CA VAL B 91 17.60 17.14 -1.10
C VAL B 91 18.59 17.75 -0.11
N ASN B 92 19.83 17.25 -0.13
CA ASN B 92 20.93 17.65 0.79
C ASN B 92 20.53 17.58 2.25
N GLY B 93 19.87 16.49 2.62
CA GLY B 93 19.50 16.26 4.03
C GLY B 93 18.43 17.19 4.58
N ALA B 94 17.52 17.62 3.71
CA ALA B 94 16.30 18.28 4.13
C ALA B 94 15.17 17.81 3.19
N PRO B 95 13.95 17.60 3.73
CA PRO B 95 12.79 17.49 2.88
C PRO B 95 12.67 18.66 1.92
N LYS B 96 12.53 18.38 0.63
CA LYS B 96 12.39 19.41 -0.38
C LYS B 96 11.14 19.24 -1.23
N PHE B 97 10.71 18.02 -1.56
CA PHE B 97 9.49 17.80 -2.35
C PHE B 97 8.52 16.88 -1.66
N LEU B 98 7.24 17.25 -1.70
CA LEU B 98 6.15 16.37 -1.32
C LEU B 98 5.50 15.85 -2.63
N VAL B 99 5.31 14.52 -2.72
CA VAL B 99 4.83 13.88 -3.96
C VAL B 99 3.66 12.97 -3.60
N VAL B 100 2.54 13.13 -4.31
CA VAL B 100 1.43 12.15 -4.27
C VAL B 100 1.25 11.49 -5.63
N HIS B 101 1.05 10.17 -5.64
CA HIS B 101 0.58 9.44 -6.81
C HIS B 101 -0.77 8.90 -6.47
N GLY B 102 -1.74 9.16 -7.34
CA GLY B 102 -3.08 8.57 -7.23
C GLY B 102 -3.31 7.66 -8.42
N TYR B 103 -3.99 6.54 -8.20
CA TYR B 103 -4.42 5.71 -9.28
C TYR B 103 -5.68 4.97 -8.97
N GLY B 104 -6.38 4.53 -10.01
CA GLY B 104 -7.64 3.77 -9.90
C GLY B 104 -8.19 3.25 -11.24
N THR B 105 -9.30 2.56 -11.19
CA THR B 105 -9.90 1.96 -12.37
C THR B 105 -11.11 2.76 -12.81
N VAL B 106 -11.08 3.28 -14.04
CA VAL B 106 -12.18 4.02 -14.61
C VAL B 106 -13.21 3.02 -15.13
N ILE B 107 -14.46 3.16 -14.71
CA ILE B 107 -15.57 2.26 -15.12
C ILE B 107 -16.74 3.01 -15.77
N LEU B 108 -17.60 2.25 -16.45
CA LEU B 108 -18.86 2.72 -17.04
C LEU B 108 -19.99 1.79 -16.57
N ILE B 109 -21.03 2.38 -15.98
CA ILE B 109 -22.10 1.61 -15.32
C ILE B 109 -22.98 0.92 -16.38
N ASP B 110 -23.54 -0.24 -15.98
CA ASP B 110 -24.19 -1.26 -16.84
C ASP B 110 -23.13 -2.18 -17.50
N GLY C 19 -5.01 -5.95 -26.52
CA GLY C 19 -6.41 -5.59 -26.08
C GLY C 19 -6.90 -6.51 -24.95
N MSE C 20 -6.34 -6.28 -23.75
CA MSE C 20 -6.46 -7.16 -22.58
C MSE C 20 -6.80 -6.31 -21.36
O MSE C 20 -6.14 -5.31 -21.13
CB MSE C 20 -5.13 -7.84 -22.38
CG MSE C 20 -4.89 -8.37 -20.98
SE MSE C 20 -3.73 -9.89 -21.01
CE MSE C 20 -4.63 -11.14 -22.25
N PHE C 21 -7.79 -6.72 -20.56
CA PHE C 21 -8.32 -5.85 -19.50
C PHE C 21 -7.42 -5.83 -18.25
N ILE C 22 -7.43 -4.68 -17.55
CA ILE C 22 -6.71 -4.53 -16.28
C ILE C 22 -7.54 -3.66 -15.29
N THR C 23 -7.56 -4.07 -14.02
CA THR C 23 -8.36 -3.39 -12.99
C THR C 23 -7.69 -3.43 -11.61
N THR C 24 -7.95 -2.40 -10.82
CA THR C 24 -7.42 -2.29 -9.44
C THR C 24 -8.09 -3.22 -8.45
N GLU C 25 -9.40 -3.48 -8.66
CA GLU C 25 -10.20 -4.34 -7.78
C GLU C 25 -10.46 -5.66 -8.46
N GLY C 26 -11.23 -6.54 -7.81
CA GLY C 26 -11.70 -7.79 -8.41
C GLY C 26 -12.80 -7.58 -9.44
N ILE C 27 -13.32 -8.69 -9.96
CA ILE C 27 -14.50 -8.69 -10.83
C ILE C 27 -15.53 -9.68 -10.32
N ASN C 28 -16.82 -9.29 -10.35
CA ASN C 28 -17.91 -10.20 -10.05
C ASN C 28 -18.22 -11.02 -11.31
N ALA C 29 -17.48 -12.09 -11.49
CA ALA C 29 -17.68 -13.02 -12.60
C ALA C 29 -16.90 -14.29 -12.30
N GLY C 30 -17.21 -15.36 -13.01
CA GLY C 30 -16.52 -16.62 -12.83
C GLY C 30 -15.15 -16.57 -13.46
N TYR C 31 -14.10 -16.92 -12.70
CA TYR C 31 -12.77 -17.07 -13.27
C TYR C 31 -11.94 -18.12 -12.55
N THR C 32 -10.86 -18.54 -13.20
CA THR C 32 -9.78 -19.30 -12.58
C THR C 32 -8.50 -18.42 -12.55
N ILE C 33 -7.64 -18.68 -11.57
CA ILE C 33 -6.44 -17.87 -11.34
C ILE C 33 -5.26 -18.55 -12.02
N LYS C 34 -4.63 -17.89 -12.98
CA LYS C 34 -3.37 -18.36 -13.53
C LYS C 34 -2.20 -18.13 -12.51
N ASP C 35 -1.84 -16.87 -12.26
CA ASP C 35 -0.72 -16.55 -11.35
C ASP C 35 -0.72 -15.07 -10.97
N VAL C 36 0.00 -14.72 -9.92
CA VAL C 36 0.34 -13.33 -9.63
C VAL C 36 1.59 -12.96 -10.43
N VAL C 37 1.59 -11.78 -11.04
CA VAL C 37 2.73 -11.28 -11.82
C VAL C 37 3.10 -9.90 -11.34
N GLU C 38 4.37 -9.56 -11.56
CA GLU C 38 4.98 -8.28 -11.13
C GLU C 38 5.86 -7.73 -12.25
N ALA C 39 5.98 -6.42 -12.29
CA ALA C 39 6.89 -5.74 -13.23
C ALA C 39 7.45 -4.53 -12.50
N THR C 40 8.72 -4.19 -12.78
CA THR C 40 9.32 -2.94 -12.31
C THR C 40 9.75 -2.13 -13.51
N SER C 41 9.52 -0.82 -13.47
CA SER C 41 10.03 0.12 -14.48
CA SER C 41 10.03 0.12 -14.48
C SER C 41 10.76 1.26 -13.77
N SER C 42 11.82 1.78 -14.38
CA SER C 42 12.59 2.88 -13.78
C SER C 42 13.23 3.77 -14.80
N LEU C 43 13.58 4.98 -14.37
CA LEU C 43 14.37 5.90 -15.19
C LEU C 43 15.27 6.76 -14.32
N MSE C 44 16.30 7.30 -14.94
CA MSE C 44 17.28 8.14 -14.27
C MSE C 44 17.00 9.59 -14.62
O MSE C 44 16.85 9.92 -15.79
CB MSE C 44 18.68 7.76 -14.72
CG MSE C 44 19.77 8.43 -13.92
SE MSE C 44 21.40 8.15 -14.79
CE MSE C 44 22.27 7.00 -13.48
N LEU C 45 16.92 10.43 -13.59
CA LEU C 45 16.68 11.87 -13.76
C LEU C 45 18.01 12.59 -14.06
N ALA C 46 17.95 13.55 -14.97
CA ALA C 46 19.03 14.54 -15.11
C ALA C 46 19.00 15.46 -13.89
N SER C 47 20.15 16.09 -13.57
CA SER C 47 20.27 17.02 -12.39
C SER C 47 19.22 18.12 -12.39
N GLU C 48 18.99 18.67 -13.58
CA GLU C 48 18.00 19.74 -13.79
C GLU C 48 16.53 19.31 -13.73
N ASP C 49 16.26 18.00 -13.71
CA ASP C 49 14.92 17.45 -13.70
C ASP C 49 14.49 16.85 -12.35
N ILE C 50 15.15 17.24 -11.26
CA ILE C 50 14.84 16.67 -9.91
C ILE C 50 13.45 17.07 -9.38
N ASP C 51 12.81 18.05 -10.01
CA ASP C 51 11.43 18.41 -9.72
C ASP C 51 10.38 17.74 -10.61
N LYS C 52 10.79 16.92 -11.58
CA LYS C 52 9.88 16.46 -12.66
C LYS C 52 9.17 15.15 -12.29
N TYR C 53 8.33 15.18 -11.26
CA TYR C 53 7.68 13.94 -10.80
C TYR C 53 6.54 13.44 -11.71
N ASN C 54 6.09 14.32 -12.62
CA ASN C 54 5.22 13.91 -13.77
C ASN C 54 5.85 12.86 -14.69
N MSE C 55 7.17 12.68 -14.61
CA MSE C 55 7.85 11.63 -15.35
C MSE C 55 7.58 10.26 -14.85
O MSE C 55 7.90 9.30 -15.53
CB MSE C 55 9.34 11.88 -15.38
CG MSE C 55 9.68 13.19 -16.05
SE MSE C 55 11.40 13.22 -16.63
CE MSE C 55 10.85 12.54 -18.39
N PHE C 56 6.96 10.13 -13.69
CA PHE C 56 6.36 8.84 -13.29
C PHE C 56 5.26 8.32 -14.25
N ASP C 57 4.58 9.21 -14.97
CA ASP C 57 3.48 8.81 -15.85
C ASP C 57 3.91 7.71 -16.83
N GLN C 58 5.04 7.92 -17.51
CA GLN C 58 5.54 6.92 -18.45
C GLN C 58 5.96 5.60 -17.79
N LEU C 59 6.39 5.65 -16.53
CA LEU C 59 6.78 4.45 -15.81
C LEU C 59 5.59 3.60 -15.43
N PHE C 60 4.50 4.23 -15.05
CA PHE C 60 3.26 3.49 -14.84
C PHE C 60 2.83 2.80 -16.13
N ASP C 61 2.84 3.51 -17.25
CA ASP C 61 2.44 2.90 -18.51
CA ASP C 61 2.49 2.92 -18.57
C ASP C 61 3.37 1.73 -18.89
N GLU C 62 4.68 1.91 -18.73
CA GLU C 62 5.63 0.84 -19.01
C GLU C 62 5.38 -0.37 -18.10
N ALA C 63 5.12 -0.13 -16.81
CA ALA C 63 4.82 -1.21 -15.87
C ALA C 63 3.57 -2.02 -16.30
N LYS C 64 2.52 -1.31 -16.70
CA LYS C 64 1.32 -1.97 -17.23
C LYS C 64 1.62 -2.83 -18.47
N GLN C 65 2.38 -2.28 -19.43
CA GLN C 65 2.72 -3.04 -20.64
CA GLN C 65 2.79 -3.02 -20.65
C GLN C 65 3.51 -4.30 -20.32
N LYS C 66 4.43 -4.21 -19.36
CA LYS C 66 5.18 -5.38 -18.91
C LYS C 66 4.24 -6.40 -18.27
N LEU C 67 3.32 -5.94 -17.41
CA LEU C 67 2.39 -6.83 -16.75
C LEU C 67 1.45 -7.51 -17.74
N LYS C 68 0.93 -6.75 -18.70
CA LYS C 68 0.04 -7.31 -19.73
C LYS C 68 0.75 -8.41 -20.58
N LYS C 69 1.99 -8.11 -21.03
CA LYS C 69 2.87 -9.08 -21.71
CA LYS C 69 2.83 -9.07 -21.72
C LYS C 69 2.95 -10.38 -20.94
N LYS C 70 3.12 -10.28 -19.61
CA LYS C 70 3.23 -11.47 -18.76
C LYS C 70 1.91 -12.20 -18.62
N ALA C 71 0.83 -11.45 -18.60
CA ALA C 71 -0.52 -12.03 -18.59
C ALA C 71 -0.81 -12.82 -19.89
N ASP C 72 -0.32 -12.30 -21.00
CA ASP C 72 -0.52 -12.90 -22.29
C ASP C 72 0.33 -14.18 -22.43
N LEU C 73 1.54 -14.18 -21.87
CA LEU C 73 2.37 -15.38 -21.81
C LEU C 73 1.76 -16.49 -20.97
N LEU C 74 1.06 -16.11 -19.89
CA LEU C 74 0.31 -17.08 -19.05
C LEU C 74 -1.07 -17.50 -19.61
N GLU C 75 -1.47 -16.94 -20.76
CA GLU C 75 -2.70 -17.31 -21.43
C GLU C 75 -3.93 -16.91 -20.62
N GLY C 76 -3.91 -15.73 -20.03
CA GLY C 76 -5.03 -15.18 -19.30
C GLY C 76 -5.74 -14.16 -20.16
N ASP C 77 -6.96 -13.78 -19.73
CA ASP C 77 -7.77 -12.75 -20.39
C ASP C 77 -7.50 -11.35 -19.86
N GLY C 78 -7.10 -11.25 -18.59
CA GLY C 78 -6.65 -9.98 -18.01
C GLY C 78 -6.08 -10.06 -16.62
N ILE C 79 -5.95 -8.89 -15.99
CA ILE C 79 -5.28 -8.73 -14.66
C ILE C 79 -6.21 -8.04 -13.66
N ILE C 80 -6.51 -8.69 -12.56
CA ILE C 80 -7.28 -8.08 -11.47
C ILE C 80 -6.36 -7.77 -10.32
N GLY C 81 -6.82 -6.90 -9.43
CA GLY C 81 -6.08 -6.61 -8.21
C GLY C 81 -4.82 -5.80 -8.40
N LEU C 82 -4.74 -4.97 -9.45
CA LEU C 82 -3.53 -4.19 -9.70
C LEU C 82 -3.22 -3.21 -8.55
N LYS C 83 -1.98 -3.25 -8.07
CA LYS C 83 -1.44 -2.21 -7.22
C LYS C 83 -0.09 -1.78 -7.75
N TYR C 84 0.33 -0.58 -7.35
CA TYR C 84 1.63 -0.02 -7.66
C TYR C 84 2.33 0.37 -6.37
N ASN C 85 3.61 0.02 -6.27
CA ASN C 85 4.52 0.68 -5.30
C ASN C 85 5.39 1.70 -6.07
N THR C 86 5.75 2.80 -5.41
CA THR C 86 6.63 3.81 -6.01
C THR C 86 7.80 4.18 -5.05
N GLU C 87 8.99 4.39 -5.63
CA GLU C 87 10.10 5.00 -4.87
C GLU C 87 10.77 6.11 -5.66
N VAL C 88 11.27 7.12 -4.93
CA VAL C 88 12.16 8.12 -5.46
C VAL C 88 13.49 7.87 -4.79
N VAL C 89 14.47 7.38 -5.58
CA VAL C 89 15.76 6.94 -5.04
C VAL C 89 16.77 8.05 -5.18
N GLU C 90 17.43 8.37 -4.09
CA GLU C 90 18.35 9.52 -4.02
C GLU C 90 19.80 9.00 -4.16
N VAL C 91 20.64 9.75 -4.86
CA VAL C 91 22.09 9.51 -4.93
C VAL C 91 22.83 10.78 -4.61
N ASN C 92 23.69 10.73 -3.59
CA ASN C 92 24.44 11.90 -3.06
C ASN C 92 23.57 13.10 -2.75
N GLY C 93 22.44 12.83 -2.08
CA GLY C 93 21.52 13.87 -1.65
C GLY C 93 20.75 14.59 -2.76
N ALA C 94 20.49 13.91 -3.86
CA ALA C 94 19.60 14.41 -4.87
C ALA C 94 18.81 13.23 -5.41
N PRO C 95 17.51 13.43 -5.73
CA PRO C 95 16.75 12.42 -6.45
C PRO C 95 17.45 12.07 -7.74
N LYS C 96 17.64 10.78 -7.99
CA LYS C 96 18.32 10.30 -9.20
C LYS C 96 17.49 9.26 -9.97
N PHE C 97 16.77 8.36 -9.30
CA PHE C 97 15.91 7.38 -10.00
C PHE C 97 14.48 7.42 -9.55
N LEU C 98 13.58 7.32 -10.50
CA LEU C 98 12.16 7.13 -10.23
C LEU C 98 11.87 5.68 -10.58
N VAL C 99 11.22 4.97 -9.66
CA VAL C 99 10.99 3.53 -9.77
C VAL C 99 9.51 3.25 -9.47
N VAL C 100 8.85 2.53 -10.39
CA VAL C 100 7.52 1.97 -10.18
C VAL C 100 7.58 0.43 -10.17
N HIS C 101 6.86 -0.19 -9.25
CA HIS C 101 6.60 -1.62 -9.29
C HIS C 101 5.13 -1.76 -9.47
N GLY C 102 4.71 -2.56 -10.44
CA GLY C 102 3.30 -2.91 -10.64
C GLY C 102 3.15 -4.39 -10.39
N TYR C 103 2.03 -4.79 -9.79
CA TYR C 103 1.73 -6.21 -9.64
C TYR C 103 0.24 -6.45 -9.60
N GLY C 104 -0.17 -7.68 -9.95
CA GLY C 104 -1.59 -8.06 -9.98
C GLY C 104 -1.79 -9.53 -10.27
N THR C 105 -3.05 -9.97 -10.25
CA THR C 105 -3.39 -11.39 -10.46
C THR C 105 -3.94 -11.65 -11.88
N VAL C 106 -3.26 -12.50 -12.63
CA VAL C 106 -3.68 -12.86 -13.97
C VAL C 106 -4.76 -13.93 -13.86
N ILE C 107 -5.92 -13.67 -14.47
CA ILE C 107 -7.07 -14.59 -14.45
C ILE C 107 -7.50 -15.00 -15.85
N LEU C 108 -8.30 -16.07 -15.89
CA LEU C 108 -8.97 -16.58 -17.12
C LEU C 108 -10.45 -16.73 -16.82
N ILE C 109 -11.30 -16.08 -17.62
CA ILE C 109 -12.74 -16.02 -17.38
C ILE C 109 -13.41 -17.41 -17.62
N ASP C 110 -14.52 -17.66 -16.88
CA ASP C 110 -15.25 -18.96 -16.69
C ASP C 110 -14.59 -19.84 -15.62
N GLN D 18 5.91 -27.30 -6.58
CA GLN D 18 5.05 -26.27 -5.91
C GLN D 18 3.79 -25.88 -6.72
N GLY D 19 2.69 -26.66 -6.58
CA GLY D 19 1.41 -26.36 -7.32
C GLY D 19 0.22 -25.85 -6.48
N MSE D 20 0.37 -24.62 -5.98
CA MSE D 20 -0.50 -24.01 -4.96
C MSE D 20 -0.86 -22.59 -5.39
O MSE D 20 0.04 -21.81 -5.73
CB MSE D 20 0.27 -23.98 -3.64
CG MSE D 20 -0.21 -22.94 -2.63
SE MSE D 20 0.19 -23.42 -0.85
CE MSE D 20 -0.61 -25.23 -0.76
N PHE D 21 -2.16 -22.23 -5.31
CA PHE D 21 -2.65 -20.97 -5.92
C PHE D 21 -2.35 -19.72 -5.06
N ILE D 22 -2.15 -18.59 -5.73
CA ILE D 22 -1.92 -17.33 -5.04
C ILE D 22 -2.61 -16.22 -5.79
N THR D 23 -3.21 -15.27 -5.06
CA THR D 23 -3.97 -14.15 -5.66
C THR D 23 -3.90 -12.86 -4.80
N THR D 24 -3.95 -11.72 -5.48
CA THR D 24 -3.96 -10.39 -4.88
C THR D 24 -5.26 -10.07 -4.16
N GLU D 25 -6.38 -10.56 -4.69
CA GLU D 25 -7.70 -10.28 -4.14
C GLU D 25 -8.20 -11.52 -3.43
N GLY D 26 -9.45 -11.46 -2.97
CA GLY D 26 -10.11 -12.63 -2.41
C GLY D 26 -10.62 -13.59 -3.47
N ILE D 27 -11.31 -14.64 -3.01
CA ILE D 27 -12.02 -15.58 -3.89
C ILE D 27 -13.49 -15.70 -3.44
N ASN D 28 -14.41 -15.73 -4.41
CA ASN D 28 -15.81 -16.07 -4.14
C ASN D 28 -15.97 -17.58 -4.09
N ALA D 29 -15.66 -18.13 -2.92
CA ALA D 29 -15.79 -19.56 -2.65
C ALA D 29 -15.75 -19.76 -1.15
N GLY D 30 -16.19 -20.92 -0.70
CA GLY D 30 -16.19 -21.25 0.71
C GLY D 30 -14.80 -21.60 1.15
N TYR D 31 -14.30 -20.93 2.21
CA TYR D 31 -13.03 -21.27 2.83
C TYR D 31 -13.01 -21.00 4.32
N THR D 32 -12.04 -21.61 5.01
CA THR D 32 -11.64 -21.24 6.37
C THR D 32 -10.23 -20.65 6.33
N ILE D 33 -9.93 -19.79 7.30
CA ILE D 33 -8.66 -19.04 7.32
C ILE D 33 -7.68 -19.74 8.25
N LYS D 34 -6.54 -20.19 7.72
CA LYS D 34 -5.49 -20.73 8.58
C LYS D 34 -4.78 -19.60 9.31
N ASP D 35 -4.07 -18.74 8.58
CA ASP D 35 -3.30 -17.62 9.20
C ASP D 35 -2.84 -16.61 8.13
N VAL D 36 -2.47 -15.41 8.57
CA VAL D 36 -1.71 -14.47 7.74
C VAL D 36 -0.21 -14.81 7.83
N VAL D 37 0.47 -14.78 6.70
CA VAL D 37 1.91 -15.10 6.61
C VAL D 37 2.64 -14.01 5.86
N GLU D 38 3.92 -13.87 6.17
CA GLU D 38 4.79 -12.82 5.62
C GLU D 38 6.14 -13.41 5.26
N ALA D 39 6.78 -12.82 4.26
CA ALA D 39 8.13 -13.19 3.84
C ALA D 39 8.85 -11.93 3.40
N THR D 40 10.14 -11.83 3.69
CA THR D 40 11.01 -10.75 3.23
C THR D 40 12.14 -11.34 2.42
N SER D 41 12.46 -10.75 1.27
CA SER D 41 13.66 -11.10 0.51
CA SER D 41 13.64 -11.12 0.46
C SER D 41 14.42 -9.86 0.13
N SER D 42 15.75 -9.98 0.04
CA SER D 42 16.60 -8.86 -0.25
C SER D 42 17.85 -9.25 -0.97
N LEU D 43 18.48 -8.29 -1.62
CA LEU D 43 19.80 -8.49 -2.22
C LEU D 43 20.61 -7.21 -2.11
N MSE D 44 21.93 -7.36 -2.22
CA MSE D 44 22.87 -6.24 -2.18
C MSE D 44 23.33 -5.89 -3.58
O MSE D 44 23.80 -6.74 -4.31
CB MSE D 44 24.07 -6.59 -1.31
CG MSE D 44 24.98 -5.40 -0.96
SE MSE D 44 26.50 -5.90 0.11
CE MSE D 44 26.19 -4.99 1.55
N LEU D 45 23.21 -4.61 -3.97
CA LEU D 45 23.66 -4.13 -5.28
C LEU D 45 25.16 -3.85 -5.29
N ALA D 46 25.83 -4.23 -6.38
CA ALA D 46 27.20 -3.73 -6.67
C ALA D 46 27.13 -2.26 -7.04
N SER D 47 28.24 -1.54 -6.86
CA SER D 47 28.28 -0.07 -7.12
C SER D 47 27.84 0.31 -8.52
N GLU D 48 28.27 -0.51 -9.47
CA GLU D 48 27.93 -0.36 -10.90
C GLU D 48 26.47 -0.73 -11.27
N ASP D 49 25.75 -1.39 -10.36
CA ASP D 49 24.39 -1.82 -10.57
C ASP D 49 23.32 -1.00 -9.82
N ILE D 50 23.65 0.25 -9.45
CA ILE D 50 22.67 1.11 -8.75
C ILE D 50 21.44 1.56 -9.61
N ASP D 51 21.53 1.36 -10.94
CA ASP D 51 20.41 1.59 -11.86
C ASP D 51 19.58 0.34 -12.19
N LYS D 52 19.91 -0.81 -11.58
CA LYS D 52 19.35 -2.11 -12.03
C LYS D 52 18.09 -2.52 -11.24
N TYR D 53 17.03 -1.73 -11.36
CA TYR D 53 15.81 -1.97 -10.59
C TYR D 53 15.00 -3.16 -11.10
N ASN D 54 15.33 -3.63 -12.30
CA ASN D 54 14.84 -4.96 -12.76
C ASN D 54 15.28 -6.16 -11.91
N MSE D 55 16.29 -5.97 -11.07
CA MSE D 55 16.67 -6.97 -10.15
C MSE D 55 15.65 -7.23 -9.06
O MSE D 55 15.74 -8.24 -8.37
CB MSE D 55 18.02 -6.64 -9.54
CG MSE D 55 19.16 -6.74 -10.57
SE MSE D 55 20.83 -6.50 -9.78
CE MSE D 55 20.86 -8.20 -8.84
N PHE D 56 14.66 -6.35 -8.88
CA PHE D 56 13.48 -6.67 -8.04
C PHE D 56 12.72 -7.94 -8.51
N ASP D 57 12.78 -8.28 -9.80
CA ASP D 57 12.02 -9.45 -10.31
C ASP D 57 12.30 -10.71 -9.44
N GLN D 58 13.58 -11.03 -9.32
CA GLN D 58 14.12 -12.13 -8.48
C GLN D 58 13.50 -12.16 -7.08
N LEU D 59 13.45 -10.98 -6.45
CA LEU D 59 13.02 -10.84 -5.07
C LEU D 59 11.52 -11.09 -4.91
N PHE D 60 10.70 -10.64 -5.87
CA PHE D 60 9.28 -10.96 -5.84
C PHE D 60 9.11 -12.48 -5.95
N ASP D 61 9.82 -13.12 -6.88
CA ASP D 61 9.80 -14.57 -6.98
C ASP D 61 10.16 -15.25 -5.66
N GLU D 62 11.28 -14.86 -5.09
CA GLU D 62 11.74 -15.46 -3.86
C GLU D 62 10.72 -15.26 -2.72
N ALA D 63 10.14 -14.06 -2.63
CA ALA D 63 9.11 -13.78 -1.63
C ALA D 63 7.90 -14.68 -1.77
N LYS D 64 7.42 -14.87 -3.00
CA LYS D 64 6.31 -15.80 -3.28
C LYS D 64 6.63 -17.26 -2.87
N GLN D 65 7.83 -17.74 -3.22
CA GLN D 65 8.26 -19.09 -2.81
C GLN D 65 8.25 -19.22 -1.31
N LYS D 66 8.80 -18.25 -0.61
CA LYS D 66 8.81 -18.28 0.84
C LYS D 66 7.38 -18.34 1.40
N LEU D 67 6.50 -17.51 0.86
CA LEU D 67 5.11 -17.46 1.30
C LEU D 67 4.40 -18.78 1.05
N LYS D 68 4.59 -19.35 -0.14
CA LYS D 68 3.98 -20.62 -0.51
C LYS D 68 4.43 -21.77 0.42
N LYS D 69 5.73 -21.85 0.68
CA LYS D 69 6.29 -22.81 1.66
C LYS D 69 5.60 -22.69 3.02
N LYS D 70 5.34 -21.46 3.46
CA LYS D 70 4.67 -21.22 4.75
C LYS D 70 3.21 -21.65 4.69
N ALA D 71 2.57 -21.40 3.56
CA ALA D 71 1.20 -21.87 3.32
C ALA D 71 1.10 -23.38 3.37
N ASP D 72 2.09 -24.06 2.81
CA ASP D 72 2.13 -25.52 2.76
C ASP D 72 2.39 -26.15 4.14
N LEU D 73 3.24 -25.52 4.95
CA LEU D 73 3.42 -25.93 6.35
C LEU D 73 2.15 -25.76 7.21
N LEU D 74 1.36 -24.72 6.92
CA LEU D 74 0.05 -24.53 7.56
C LEU D 74 -1.08 -25.42 6.98
N GLU D 75 -0.75 -26.20 5.94
CA GLU D 75 -1.67 -27.16 5.30
CA GLU D 75 -1.66 -27.17 5.30
C GLU D 75 -2.90 -26.46 4.72
N GLY D 76 -2.64 -25.36 4.02
CA GLY D 76 -3.65 -24.60 3.28
C GLY D 76 -3.53 -24.92 1.81
N ASP D 77 -4.56 -24.57 1.04
CA ASP D 77 -4.60 -24.81 -0.40
C ASP D 77 -4.00 -23.68 -1.19
N GLY D 78 -4.09 -22.45 -0.65
CA GLY D 78 -3.43 -21.30 -1.27
C GLY D 78 -3.45 -20.04 -0.44
N ILE D 79 -3.07 -18.92 -1.09
CA ILE D 79 -2.90 -17.63 -0.45
C ILE D 79 -3.77 -16.58 -1.14
N ILE D 80 -4.66 -15.96 -0.38
CA ILE D 80 -5.44 -14.82 -0.88
C ILE D 80 -4.92 -13.52 -0.27
N GLY D 81 -5.28 -12.41 -0.90
CA GLY D 81 -4.98 -11.10 -0.36
C GLY D 81 -3.51 -10.70 -0.39
N LEU D 82 -2.74 -11.20 -1.37
CA LEU D 82 -1.31 -10.89 -1.46
C LEU D 82 -1.10 -9.42 -1.69
N LYS D 83 -0.16 -8.86 -0.93
CA LYS D 83 0.40 -7.53 -1.19
C LYS D 83 1.91 -7.57 -1.00
N TYR D 84 2.59 -6.63 -1.68
CA TYR D 84 4.03 -6.43 -1.56
C TYR D 84 4.36 -5.00 -1.06
N ASN D 85 5.24 -4.91 -0.07
CA ASN D 85 5.93 -3.65 0.19
C ASN D 85 7.33 -3.74 -0.41
N THR D 86 7.85 -2.60 -0.89
CA THR D 86 9.21 -2.55 -1.47
C THR D 86 9.98 -1.41 -0.90
N GLU D 87 11.28 -1.62 -0.68
CA GLU D 87 12.22 -0.51 -0.31
C GLU D 87 13.52 -0.57 -1.13
N VAL D 88 14.07 0.61 -1.43
CA VAL D 88 15.43 0.73 -1.93
C VAL D 88 16.18 1.44 -0.80
N VAL D 89 17.07 0.68 -0.13
CA VAL D 89 17.80 1.15 1.03
C VAL D 89 19.14 1.69 0.55
N GLU D 90 19.49 2.87 1.05
CA GLU D 90 20.69 3.56 0.65
C GLU D 90 21.74 3.46 1.76
N VAL D 91 23.02 3.29 1.39
CA VAL D 91 24.16 3.31 2.31
C VAL D 91 25.18 4.30 1.77
N ASN D 92 25.56 5.28 2.60
CA ASN D 92 26.46 6.39 2.20
C ASN D 92 26.11 7.06 0.87
N GLY D 93 24.83 7.38 0.71
CA GLY D 93 24.35 8.11 -0.47
C GLY D 93 24.34 7.34 -1.79
N ALA D 94 24.27 6.03 -1.71
CA ALA D 94 24.02 5.18 -2.91
C ALA D 94 23.02 4.09 -2.56
N PRO D 95 22.14 3.75 -3.47
CA PRO D 95 21.38 2.51 -3.28
C PRO D 95 22.29 1.30 -3.08
N LYS D 96 22.00 0.52 -2.04
CA LYS D 96 22.81 -0.65 -1.68
C LYS D 96 22.01 -1.91 -1.53
N PHE D 97 20.78 -1.85 -1.01
CA PHE D 97 19.94 -3.04 -0.92
C PHE D 97 18.61 -2.82 -1.54
N LEU D 98 18.11 -3.84 -2.23
CA LEU D 98 16.73 -3.89 -2.69
C LEU D 98 15.98 -4.89 -1.81
N VAL D 99 14.81 -4.51 -1.29
CA VAL D 99 14.07 -5.31 -0.31
C VAL D 99 12.63 -5.41 -0.77
N VAL D 100 12.11 -6.66 -0.83
CA VAL D 100 10.68 -6.94 -0.98
C VAL D 100 10.16 -7.64 0.29
N HIS D 101 8.98 -7.20 0.77
CA HIS D 101 8.17 -7.93 1.74
C HIS D 101 6.94 -8.35 1.06
N GLY D 102 6.60 -9.63 1.15
CA GLY D 102 5.31 -10.18 0.63
C GLY D 102 4.49 -10.64 1.82
N TYR D 103 3.19 -10.45 1.74
CA TYR D 103 2.30 -11.01 2.77
C TYR D 103 0.89 -11.28 2.24
N GLY D 104 0.20 -12.23 2.89
CA GLY D 104 -1.13 -12.63 2.47
C GLY D 104 -1.77 -13.60 3.43
N THR D 105 -3.02 -13.97 3.17
CA THR D 105 -3.79 -14.86 4.05
C THR D 105 -3.86 -16.26 3.50
N VAL D 106 -3.36 -17.23 4.26
CA VAL D 106 -3.40 -18.64 3.88
C VAL D 106 -4.78 -19.19 4.19
N ILE D 107 -5.44 -19.78 3.20
CA ILE D 107 -6.79 -20.35 3.36
C ILE D 107 -6.83 -21.84 2.99
N LEU D 108 -7.92 -22.49 3.45
CA LEU D 108 -8.26 -23.88 3.11
C LEU D 108 -9.70 -23.91 2.58
N ILE D 109 -9.88 -24.45 1.38
CA ILE D 109 -11.18 -24.42 0.67
C ILE D 109 -12.20 -25.38 1.37
N ASP D 110 -13.50 -25.04 1.24
CA ASP D 110 -14.67 -25.64 1.97
C ASP D 110 -14.88 -24.92 3.33
N GLY E 19 -6.22 -17.34 20.37
CA GLY E 19 -6.83 -18.11 19.24
C GLY E 19 -7.92 -17.30 18.56
N MSE E 20 -7.48 -16.30 17.82
CA MSE E 20 -8.34 -15.26 17.23
C MSE E 20 -7.93 -15.02 15.78
O MSE E 20 -6.74 -14.80 15.50
CB MSE E 20 -8.17 -13.98 18.04
CG MSE E 20 -8.57 -12.69 17.33
SE MSE E 20 -9.23 -11.34 18.58
CE MSE E 20 -10.55 -12.35 19.56
N PHE E 21 -8.91 -15.00 14.86
CA PHE E 21 -8.61 -15.03 13.42
C PHE E 21 -8.17 -13.67 12.88
N ILE E 22 -7.32 -13.70 11.86
CA ILE E 22 -6.85 -12.50 11.19
C ILE E 22 -6.73 -12.76 9.67
N THR E 23 -7.11 -11.79 8.85
CA THR E 23 -7.10 -11.92 7.39
C THR E 23 -6.80 -10.59 6.68
N THR E 24 -6.16 -10.68 5.52
CA THR E 24 -5.86 -9.54 4.66
C THR E 24 -7.08 -8.96 3.97
N GLU E 25 -8.03 -9.81 3.62
CA GLU E 25 -9.24 -9.38 2.91
C GLU E 25 -10.43 -9.41 3.86
N GLY E 26 -11.62 -9.13 3.33
CA GLY E 26 -12.86 -9.27 4.08
C GLY E 26 -13.27 -10.72 4.25
N ILE E 27 -14.44 -10.90 4.88
CA ILE E 27 -15.09 -12.21 4.97
C ILE E 27 -16.53 -12.08 4.47
N ASN E 28 -16.99 -13.09 3.70
CA ASN E 28 -18.41 -13.23 3.34
C ASN E 28 -19.17 -13.90 4.49
N ALA E 29 -19.57 -13.08 5.45
CA ALA E 29 -20.36 -13.53 6.58
C ALA E 29 -20.92 -12.30 7.27
N GLY E 30 -21.92 -12.51 8.12
CA GLY E 30 -22.54 -11.40 8.85
C GLY E 30 -21.62 -10.95 9.97
N TYR E 31 -21.34 -9.66 10.03
CA TYR E 31 -20.62 -9.08 11.18
C TYR E 31 -21.01 -7.63 11.46
N THR E 32 -20.67 -7.18 12.67
CA THR E 32 -20.67 -5.76 13.03
C THR E 32 -19.22 -5.33 13.23
N ILE E 33 -18.96 -4.04 13.05
CA ILE E 33 -17.60 -3.47 13.12
C ILE E 33 -17.38 -2.82 14.49
N LYS E 34 -16.44 -3.34 15.27
CA LYS E 34 -16.07 -2.70 16.52
C LYS E 34 -15.24 -1.40 16.25
N ASP E 35 -14.04 -1.55 15.69
CA ASP E 35 -13.16 -0.39 15.38
C ASP E 35 -12.00 -0.80 14.45
N VAL E 36 -11.36 0.21 13.83
CA VAL E 36 -10.06 0.04 13.19
C VAL E 36 -8.99 0.18 14.25
N VAL E 37 -8.00 -0.72 14.22
CA VAL E 37 -6.87 -0.71 15.17
C VAL E 37 -5.56 -0.70 14.40
N GLU E 38 -4.51 -0.20 15.07
CA GLU E 38 -3.16 -0.07 14.52
C GLU E 38 -2.12 -0.45 15.57
N ALA E 39 -0.99 -1.00 15.11
CA ALA E 39 0.15 -1.30 15.98
C ALA E 39 1.43 -1.05 15.20
N THR E 40 2.45 -0.55 15.90
CA THR E 40 3.77 -0.35 15.33
C THR E 40 4.74 -1.18 16.13
N SER E 41 5.68 -1.81 15.45
CA SER E 41 6.81 -2.42 16.13
C SER E 41 8.10 -2.13 15.37
N SER E 42 9.20 -2.12 16.09
CA SER E 42 10.48 -1.72 15.54
C SER E 42 11.63 -2.40 16.24
N LEU E 43 12.79 -2.40 15.59
CA LEU E 43 14.05 -2.81 16.23
C LEU E 43 15.22 -2.05 15.66
N MSE E 44 16.32 -2.03 16.42
CA MSE E 44 17.52 -1.33 16.00
C MSE E 44 18.53 -2.35 15.46
O MSE E 44 18.77 -3.35 16.10
CB MSE E 44 18.11 -0.55 17.17
CG MSE E 44 19.27 0.38 16.79
SE MSE E 44 20.21 0.90 18.29
CE MSE E 44 19.58 2.74 18.28
N LEU E 45 19.07 -2.09 14.26
CA LEU E 45 20.12 -2.93 13.67
C LEU E 45 21.50 -2.57 14.19
N ALA E 46 22.31 -3.60 14.45
CA ALA E 46 23.75 -3.43 14.67
C ALA E 46 24.38 -2.99 13.37
N SER E 47 25.53 -2.33 13.44
CA SER E 47 26.28 -1.88 12.25
C SER E 47 26.63 -2.99 11.26
N GLU E 48 27.00 -4.15 11.80
CA GLU E 48 27.29 -5.36 11.04
C GLU E 48 26.05 -6.07 10.43
N ASP E 49 24.84 -5.72 10.87
CA ASP E 49 23.59 -6.38 10.45
C ASP E 49 22.75 -5.50 9.49
N ILE E 50 23.37 -4.55 8.79
CA ILE E 50 22.63 -3.67 7.86
C ILE E 50 22.09 -4.39 6.59
N ASP E 51 22.55 -5.62 6.35
CA ASP E 51 22.00 -6.50 5.30
C ASP E 51 20.92 -7.47 5.77
N LYS E 52 20.56 -7.45 7.06
CA LYS E 52 19.70 -8.50 7.67
C LYS E 52 18.21 -8.16 7.61
N TYR E 53 17.65 -8.07 6.40
CA TYR E 53 16.23 -7.66 6.25
C TYR E 53 15.27 -8.77 6.69
N ASN E 54 15.77 -10.01 6.74
CA ASN E 54 15.11 -11.14 7.45
C ASN E 54 14.62 -10.85 8.87
N MSE E 55 15.23 -9.87 9.53
CA MSE E 55 14.83 -9.42 10.86
CA MSE E 55 14.81 -9.47 10.86
C MSE E 55 13.46 -8.77 10.87
O MSE E 55 12.89 -8.58 11.93
CB MSE E 55 15.85 -8.43 11.44
CB MSE E 55 15.86 -8.59 11.50
CG MSE E 55 17.17 -9.05 11.85
CG MSE E 55 17.17 -9.32 11.70
SE MSE E 55 16.94 -10.26 13.33
SE MSE E 55 18.12 -8.67 13.15
CE MSE E 55 16.41 -11.86 12.36
CE MSE E 55 19.65 -9.89 13.04
N PHE E 56 12.93 -8.40 9.70
CA PHE E 56 11.52 -7.96 9.63
C PHE E 56 10.53 -9.04 10.08
N ASP E 57 10.89 -10.32 9.94
CA ASP E 57 10.00 -11.44 10.32
C ASP E 57 9.40 -11.29 11.70
N GLN E 58 10.27 -11.02 12.66
CA GLN E 58 9.86 -10.88 14.06
CA GLN E 58 9.92 -10.84 14.07
C GLN E 58 8.97 -9.66 14.29
N LEU E 59 9.15 -8.61 13.50
CA LEU E 59 8.38 -7.38 13.65
C LEU E 59 6.96 -7.53 13.17
N PHE E 60 6.77 -8.27 12.07
CA PHE E 60 5.42 -8.63 11.59
C PHE E 60 4.67 -9.44 12.65
N ASP E 61 5.34 -10.46 13.23
CA ASP E 61 4.68 -11.29 14.26
CA ASP E 61 4.72 -11.30 14.30
C ASP E 61 4.34 -10.46 15.52
N GLU E 62 5.26 -9.56 15.92
CA GLU E 62 5.01 -8.64 17.04
C GLU E 62 3.83 -7.71 16.72
N ALA E 63 3.81 -7.14 15.51
CA ALA E 63 2.69 -6.27 15.10
C ALA E 63 1.36 -6.99 15.17
N LYS E 64 1.30 -8.21 14.65
CA LYS E 64 0.09 -9.03 14.73
C LYS E 64 -0.37 -9.27 16.17
N GLN E 65 0.55 -9.68 17.05
CA GLN E 65 0.19 -9.95 18.45
C GLN E 65 -0.34 -8.67 19.14
N LYS E 66 0.25 -7.51 18.85
CA LYS E 66 -0.26 -6.22 19.36
C LYS E 66 -1.67 -5.92 18.85
N LEU E 67 -1.91 -6.17 17.56
CA LEU E 67 -3.23 -5.96 16.95
C LEU E 67 -4.28 -6.92 17.52
N LYS E 68 -3.91 -8.19 17.70
CA LYS E 68 -4.81 -9.20 18.30
C LYS E 68 -5.21 -8.88 19.74
N LYS E 69 -4.24 -8.46 20.55
CA LYS E 69 -4.51 -7.98 21.91
C LYS E 69 -5.50 -6.80 21.92
N LYS E 70 -5.37 -5.88 20.96
CA LYS E 70 -6.30 -4.74 20.86
C LYS E 70 -7.69 -5.20 20.43
N ALA E 71 -7.75 -6.19 19.54
CA ALA E 71 -9.00 -6.81 19.12
C ALA E 71 -9.71 -7.52 20.27
N ASP E 72 -8.92 -8.15 21.13
CA ASP E 72 -9.45 -8.85 22.30
C ASP E 72 -9.98 -7.86 23.36
N LEU E 73 -9.28 -6.72 23.56
CA LEU E 73 -9.77 -5.64 24.45
C LEU E 73 -11.07 -5.00 23.96
N LEU E 74 -11.24 -4.90 22.64
CA LEU E 74 -12.52 -4.44 22.04
C LEU E 74 -13.65 -5.51 21.97
N GLU E 75 -13.36 -6.75 22.43
CA GLU E 75 -14.32 -7.88 22.45
C GLU E 75 -14.82 -8.28 21.06
N GLY E 76 -13.89 -8.33 20.12
CA GLY E 76 -14.15 -8.81 18.76
C GLY E 76 -13.68 -10.25 18.62
N ASP E 77 -14.15 -10.92 17.58
CA ASP E 77 -13.76 -12.30 17.26
C ASP E 77 -12.52 -12.37 16.41
N GLY E 78 -12.30 -11.35 15.57
CA GLY E 78 -11.06 -11.24 14.79
C GLY E 78 -10.85 -9.93 14.04
N ILE E 79 -9.87 -9.93 13.14
CA ILE E 79 -9.44 -8.73 12.40
C ILE E 79 -9.49 -9.00 10.92
N ILE E 80 -10.27 -8.19 10.19
CA ILE E 80 -10.30 -8.25 8.72
C ILE E 80 -9.56 -7.07 8.14
N GLY E 81 -9.19 -7.18 6.87
CA GLY E 81 -8.60 -6.06 6.15
C GLY E 81 -7.17 -5.70 6.56
N LEU E 82 -6.40 -6.67 7.05
CA LEU E 82 -5.03 -6.40 7.50
C LEU E 82 -4.17 -5.87 6.36
N LYS E 83 -3.46 -4.77 6.65
CA LYS E 83 -2.35 -4.30 5.81
C LYS E 83 -1.17 -3.95 6.70
N TYR E 84 0.01 -3.96 6.09
CA TYR E 84 1.28 -3.57 6.73
C TYR E 84 1.94 -2.47 5.93
N ASN E 85 2.41 -1.43 6.62
CA ASN E 85 3.42 -0.51 6.07
C ASN E 85 4.80 -0.85 6.66
N THR E 86 5.86 -0.71 5.86
CA THR E 86 7.22 -0.94 6.30
C THR E 86 8.15 0.23 5.98
N GLU E 87 9.05 0.55 6.90
CA GLU E 87 10.15 1.49 6.64
C GLU E 87 11.50 0.94 7.09
N VAL E 88 12.55 1.30 6.34
CA VAL E 88 13.93 1.09 6.76
C VAL E 88 14.52 2.48 7.01
N VAL E 89 14.66 2.82 8.28
CA VAL E 89 15.07 4.15 8.67
C VAL E 89 16.60 4.22 8.76
N GLU E 90 17.17 5.24 8.12
CA GLU E 90 18.61 5.40 8.05
C GLU E 90 19.09 6.46 9.06
N VAL E 91 20.22 6.21 9.71
CA VAL E 91 20.91 7.19 10.57
C VAL E 91 22.37 7.33 10.14
N ASN E 92 22.75 8.57 9.80
CA ASN E 92 24.09 8.91 9.25
C ASN E 92 24.49 8.03 8.08
N GLY E 93 23.58 7.85 7.13
CA GLY E 93 23.86 7.09 5.92
C GLY E 93 24.04 5.58 6.06
N ALA E 94 23.38 4.99 7.06
CA ALA E 94 23.29 3.56 7.21
C ALA E 94 21.90 3.21 7.74
N PRO E 95 21.33 2.10 7.28
CA PRO E 95 20.14 1.57 7.92
C PRO E 95 20.34 1.34 9.40
N LYS E 96 19.45 1.86 10.23
CA LYS E 96 19.55 1.71 11.69
C LYS E 96 18.30 1.14 12.33
N PHE E 97 17.11 1.50 11.84
CA PHE E 97 15.87 0.92 12.38
C PHE E 97 15.03 0.28 11.29
N LEU E 98 14.45 -0.88 11.62
CA LEU E 98 13.43 -1.52 10.81
C LEU E 98 12.11 -1.31 11.54
N VAL E 99 11.09 -0.82 10.82
CA VAL E 99 9.81 -0.46 11.42
C VAL E 99 8.68 -1.11 10.63
N VAL E 100 7.79 -1.83 11.31
CA VAL E 100 6.53 -2.32 10.74
C VAL E 100 5.36 -1.61 11.41
N HIS E 101 4.38 -1.16 10.60
CA HIS E 101 3.05 -0.76 11.08
C HIS E 101 2.07 -1.75 10.54
N GLY E 102 1.22 -2.28 11.42
CA GLY E 102 0.11 -3.14 11.03
C GLY E 102 -1.19 -2.46 11.38
N TYR E 103 -2.20 -2.65 10.54
CA TYR E 103 -3.53 -2.16 10.89
C TYR E 103 -4.62 -2.97 10.22
N GLY E 104 -5.82 -2.91 10.80
CA GLY E 104 -6.97 -3.65 10.30
C GLY E 104 -8.26 -3.32 11.07
N THR E 105 -9.37 -3.94 10.66
CA THR E 105 -10.67 -3.68 11.23
C THR E 105 -11.12 -4.82 12.10
N VAL E 106 -11.36 -4.53 13.39
CA VAL E 106 -11.81 -5.52 14.35
C VAL E 106 -13.31 -5.70 14.22
N ILE E 107 -13.75 -6.95 14.04
CA ILE E 107 -15.18 -7.28 13.84
C ILE E 107 -15.70 -8.31 14.85
N LEU E 108 -17.03 -8.37 14.95
CA LEU E 108 -17.75 -9.35 15.78
C LEU E 108 -18.79 -10.04 14.90
N ILE E 109 -18.73 -11.36 14.83
CA ILE E 109 -19.56 -12.14 13.90
C ILE E 109 -21.04 -12.13 14.37
N ASP E 110 -21.97 -12.31 13.40
CA ASP E 110 -23.47 -12.11 13.50
C ASP E 110 -23.85 -10.65 13.27
#